data_5UYU
#
_entry.id   5UYU
#
_cell.length_a   102.287
_cell.length_b   102.287
_cell.length_c   170.374
_cell.angle_alpha   90.000
_cell.angle_beta   90.000
_cell.angle_gamma   120.000
#
_symmetry.space_group_name_H-M   'P 61 2 2'
#
loop_
_entity.id
_entity.type
_entity.pdbx_description
1 polymer 'Beta-secretase 1'
2 non-polymer 'IODIDE ION'
3 non-polymer "(5S)-3-(3,6-dihydro-2H-pyran-4-yl)-7-[5-(prop-1-yn-1-yl)pyridin-3-yl]-5'H-spiro[1-benzopyrano[2,3-c]pyridine-5,4'-[1,3]oxazol]-2'-amine"
4 non-polymer GLYCEROL
5 water water
#
_entity_poly.entity_id   1
_entity_poly.type   'polypeptide(L)'
_entity_poly.pdbx_seq_one_letter_code
;LPRETDEEPEEPGKKGSFVEMVDNLRGKSGQGYYVEMTVGSPPQTLNILVDTGSSNFAVGAAPHPFLHRYYQRQLSSTYR
DLRKGVYVPYTQGKWEGELGTDLVSIPHGPNVTVRANIAAITESDKFFINGSNWEGILGLAYAEIARPDDSLEPFFDSLV
KQTHVPNLFSLQLCGAGFPLNQSEVLASVGGSMIIGGIDHSLYTGSLWYTPIRREWYYEVIIVRVEINGQDLKMDCKEYN
YDKSIVDSGTTNLRLPKKVFEAAVKSIKAASSTEKFPDGFWLGEQLVCWQAGTTPWNIFPVISLYLMGEVTNQSFRITIL
PQQYLRPVEDVATSQDDCYKFAISQSSTGTVMGAVIMEGFYVVFDRARKRIGFAVSACHVHDEFRTAAVEGPFVTLDMED
CGYNIPQTDES
;
_entity_poly.pdbx_strand_id   A
#
loop_
_chem_comp.id
_chem_comp.type
_chem_comp.name
_chem_comp.formula
8QV non-polymer (5S)-3-(3,6-dihydro-2H-pyran-4-yl)-7-[5-(prop-1-yn-1-yl)pyridin-3-yl]-5'H-spiro[1-benzopyrano[2,3-c]pyridine-5,4'-[1,3]oxazol]-2'-amine 'C27 H22 N4 O3'
GOL non-polymer GLYCEROL 'C3 H8 O3'
IOD non-polymer 'IODIDE ION' 'I -1'
#
# COMPACT_ATOMS: atom_id res chain seq x y z
N PHE A 18 -7.94 -13.68 -15.59
CA PHE A 18 -8.31 -12.66 -14.58
C PHE A 18 -8.72 -11.31 -15.20
N VAL A 19 -9.02 -11.31 -16.50
CA VAL A 19 -9.32 -10.08 -17.25
C VAL A 19 -10.46 -9.26 -16.60
N GLU A 20 -11.39 -9.98 -15.97
CA GLU A 20 -12.49 -9.39 -15.22
C GLU A 20 -12.05 -8.46 -14.07
N MET A 21 -10.85 -8.71 -13.52
CA MET A 21 -10.36 -7.96 -12.38
C MET A 21 -9.41 -6.82 -12.76
N VAL A 22 -8.96 -6.80 -14.01
CA VAL A 22 -8.07 -5.75 -14.47
C VAL A 22 -8.82 -4.42 -14.44
N ASP A 23 -8.14 -3.40 -13.90
CA ASP A 23 -8.66 -2.05 -13.87
C ASP A 23 -9.84 -1.90 -12.91
N ASN A 24 -9.92 -2.80 -11.92
CA ASN A 24 -10.98 -2.76 -10.91
C ASN A 24 -10.69 -1.79 -9.75
N LEU A 25 -9.58 -1.05 -9.83
CA LEU A 25 -9.25 -0.06 -8.77
C LEU A 25 -9.34 1.36 -9.31
N ARG A 26 -9.91 2.26 -8.52
CA ARG A 26 -9.95 3.68 -8.86
C ARG A 26 -9.54 4.52 -7.68
N GLY A 27 -9.32 5.81 -7.92
CA GLY A 27 -9.02 6.75 -6.85
C GLY A 27 -8.73 8.15 -7.35
N LYS A 28 -8.39 9.03 -6.41
CA LYS A 28 -7.84 10.35 -6.71
C LYS A 28 -6.49 10.43 -6.01
N SER A 29 -5.52 11.08 -6.63
CA SER A 29 -4.18 11.20 -6.04
C SER A 29 -4.28 11.71 -4.60
N GLY A 30 -3.54 11.06 -3.71
CA GLY A 30 -3.53 11.39 -2.29
C GLY A 30 -4.71 10.90 -1.46
N GLN A 31 -5.68 10.22 -2.08
CA GLN A 31 -6.88 9.77 -1.38
C GLN A 31 -7.06 8.26 -1.45
N GLY A 32 -6.04 7.54 -1.93
CA GLY A 32 -6.04 6.08 -1.90
C GLY A 32 -6.67 5.40 -3.11
N TYR A 33 -6.56 4.08 -3.11
CA TYR A 33 -7.14 3.23 -4.15
C TYR A 33 -8.31 2.46 -3.59
N TYR A 34 -9.46 2.52 -4.28
CA TYR A 34 -10.62 1.78 -3.84
C TYR A 34 -11.14 0.77 -4.88
N VAL A 35 -11.83 -0.24 -4.34
CA VAL A 35 -12.48 -1.31 -5.12
C VAL A 35 -13.97 -1.34 -4.80
N GLU A 36 -14.79 -1.65 -5.80
CA GLU A 36 -16.23 -1.79 -5.58
C GLU A 36 -16.50 -3.10 -4.84
N MET A 37 -17.32 -3.03 -3.79
CA MET A 37 -17.77 -4.23 -3.09
C MET A 37 -19.27 -4.17 -2.90
N THR A 38 -19.88 -5.32 -2.63
CA THR A 38 -21.27 -5.32 -2.19
C THR A 38 -21.37 -5.97 -0.82
N VAL A 39 -22.31 -5.48 -0.01
CA VAL A 39 -22.57 -6.02 1.32
C VAL A 39 -24.07 -6.24 1.48
N GLY A 40 -24.46 -7.34 2.13
CA GLY A 40 -25.86 -7.59 2.44
C GLY A 40 -26.71 -8.22 1.36
N SER A 41 -27.94 -8.56 1.75
CA SER A 41 -28.93 -9.14 0.85
C SER A 41 -30.24 -8.34 0.97
N PRO A 42 -30.67 -7.69 -0.13
CA PRO A 42 -29.98 -7.62 -1.43
C PRO A 42 -28.70 -6.80 -1.35
N PRO A 43 -27.80 -6.96 -2.34
CA PRO A 43 -26.48 -6.32 -2.24
C PRO A 43 -26.55 -4.80 -2.26
N GLN A 44 -25.85 -4.19 -1.31
CA GLN A 44 -25.62 -2.76 -1.27
C GLN A 44 -24.22 -2.48 -1.77
N THR A 45 -24.12 -1.70 -2.85
CA THR A 45 -22.81 -1.37 -3.45
C THR A 45 -22.09 -0.27 -2.66
N LEU A 46 -20.81 -0.48 -2.39
CA LEU A 46 -19.94 0.49 -1.73
C LEU A 46 -18.56 0.47 -2.39
N ASN A 47 -17.89 1.62 -2.42
CA ASN A 47 -16.50 1.70 -2.80
C ASN A 47 -15.63 1.64 -1.56
N ILE A 48 -14.63 0.78 -1.57
CA ILE A 48 -13.87 0.46 -0.36
C ILE A 48 -12.38 0.63 -0.59
N LEU A 49 -11.75 1.37 0.31
CA LEU A 49 -10.32 1.63 0.24
C LEU A 49 -9.53 0.31 0.43
N VAL A 50 -8.60 0.03 -0.48
CA VAL A 50 -7.77 -1.16 -0.39
C VAL A 50 -6.51 -0.91 0.46
N ASP A 51 -6.41 -1.59 1.61
CA ASP A 51 -5.41 -1.27 2.62
C ASP A 51 -4.65 -2.48 3.14
N THR A 52 -3.40 -2.64 2.68
CA THR A 52 -2.59 -3.77 3.15
C THR A 52 -1.90 -3.46 4.48
N GLY A 53 -2.19 -2.28 5.02
CA GLY A 53 -1.60 -1.83 6.28
C GLY A 53 -2.61 -1.85 7.43
N SER A 54 -3.74 -2.54 7.24
CA SER A 54 -4.66 -2.83 8.34
C SER A 54 -5.44 -4.14 8.10
N SER A 55 -6.29 -4.53 9.05
CA SER A 55 -6.89 -5.89 9.03
C SER A 55 -8.40 -5.98 9.32
N ASN A 56 -9.08 -4.82 9.40
CA ASN A 56 -10.52 -4.77 9.53
C ASN A 56 -11.22 -4.34 8.24
N PHE A 57 -12.34 -4.99 7.96
CA PHE A 57 -13.33 -4.53 7.02
C PHE A 57 -14.35 -3.68 7.78
N ALA A 58 -14.36 -2.38 7.49
CA ALA A 58 -15.18 -1.41 8.21
C ALA A 58 -15.81 -0.45 7.21
N VAL A 59 -17.12 -0.24 7.32
CA VAL A 59 -17.86 0.53 6.34
C VAL A 59 -18.71 1.59 7.02
N GLY A 60 -18.83 2.74 6.39
CA GLY A 60 -19.78 3.75 6.84
C GLY A 60 -21.13 3.12 6.99
N ALA A 61 -21.79 3.42 8.12
CA ALA A 61 -23.12 2.88 8.40
C ALA A 61 -24.09 3.97 8.91
N ALA A 62 -23.69 5.23 8.77
CA ALA A 62 -24.49 6.37 9.14
C ALA A 62 -24.24 7.51 8.14
N PRO A 63 -25.22 8.43 8.02
CA PRO A 63 -25.18 9.46 6.97
C PRO A 63 -24.20 10.61 7.27
N HIS A 64 -22.92 10.28 7.32
CA HIS A 64 -21.87 11.28 7.43
C HIS A 64 -21.92 12.14 6.17
N PRO A 65 -21.78 13.47 6.30
CA PRO A 65 -21.93 14.35 5.13
C PRO A 65 -20.90 14.15 3.98
N PHE A 66 -19.76 13.53 4.29
CA PHE A 66 -18.76 13.22 3.26
C PHE A 66 -19.15 12.01 2.42
N LEU A 67 -20.08 11.18 2.91
CA LEU A 67 -20.36 9.87 2.30
C LEU A 67 -21.38 9.92 1.15
N HIS A 68 -21.03 9.28 0.04
CA HIS A 68 -21.96 9.12 -1.09
C HIS A 68 -23.04 8.16 -0.72
N ARG A 69 -22.68 7.22 0.15
CA ARG A 69 -23.56 6.15 0.59
C ARG A 69 -22.98 5.44 1.81
N TYR A 70 -23.82 4.64 2.43
CA TYR A 70 -23.45 3.91 3.62
C TYR A 70 -24.29 2.64 3.75
N TYR A 71 -23.75 1.69 4.49
CA TYR A 71 -24.35 0.41 4.79
C TYR A 71 -25.59 0.59 5.66
N GLN A 72 -26.72 0.06 5.19
CA GLN A 72 -27.99 0.12 5.91
C GLN A 72 -28.36 -1.29 6.33
N ARG A 73 -28.00 -1.63 7.56
CA ARG A 73 -28.20 -2.98 8.09
C ARG A 73 -29.67 -3.41 8.11
N GLN A 74 -30.54 -2.44 8.31
CA GLN A 74 -31.98 -2.66 8.37
C GLN A 74 -32.58 -3.20 7.05
N LEU A 75 -31.83 -3.08 5.94
CA LEU A 75 -32.29 -3.56 4.63
C LEU A 75 -31.71 -4.93 4.25
N SER A 76 -30.86 -5.48 5.12
CA SER A 76 -30.20 -6.73 4.82
C SER A 76 -30.77 -7.92 5.61
N SER A 77 -31.39 -8.85 4.87
CA SER A 77 -31.95 -10.08 5.44
C SER A 77 -30.88 -11.03 5.96
N THR A 78 -29.63 -10.84 5.51
CA THR A 78 -28.55 -11.74 5.90
C THR A 78 -27.64 -11.13 6.96
N TYR A 79 -27.93 -9.91 7.40
CA TYR A 79 -27.13 -9.27 8.47
C TYR A 79 -27.28 -10.02 9.79
N ARG A 80 -26.17 -10.21 10.50
CA ARG A 80 -26.16 -10.82 11.83
C ARG A 80 -25.37 -9.96 12.79
N ASP A 81 -26.03 -9.55 13.88
CA ASP A 81 -25.45 -8.63 14.86
C ASP A 81 -24.59 -9.44 15.81
N LEU A 82 -23.31 -9.10 15.91
CA LEU A 82 -22.39 -9.75 16.85
C LEU A 82 -22.48 -9.13 18.25
N ARG A 83 -23.27 -8.07 18.38
CA ARG A 83 -23.53 -7.45 19.68
C ARG A 83 -22.25 -7.06 20.42
N LYS A 84 -21.32 -6.45 19.70
CA LYS A 84 -20.04 -6.04 20.28
C LYS A 84 -19.58 -4.78 19.53
N GLY A 85 -19.04 -3.83 20.28
CA GLY A 85 -18.45 -2.64 19.73
C GLY A 85 -16.99 -2.84 19.39
N VAL A 86 -16.47 -1.96 18.55
CA VAL A 86 -15.05 -1.95 18.20
C VAL A 86 -14.62 -0.49 18.13
N TYR A 87 -13.45 -0.21 18.69
CA TYR A 87 -12.96 1.15 18.86
C TYR A 87 -11.54 1.21 18.31
N VAL A 88 -11.34 1.94 17.22
CA VAL A 88 -10.10 1.86 16.44
C VAL A 88 -9.51 3.25 16.22
N PRO A 89 -8.83 3.77 17.25
CA PRO A 89 -7.98 4.91 16.99
C PRO A 89 -6.76 4.41 16.22
N TYR A 90 -6.28 5.24 15.31
CA TYR A 90 -5.04 4.97 14.59
C TYR A 90 -4.28 6.29 14.50
N THR A 91 -3.12 6.28 13.84
CA THR A 91 -2.21 7.42 13.97
C THR A 91 -2.82 8.74 13.46
N GLN A 92 -3.42 8.73 12.27
CA GLN A 92 -3.97 9.97 11.69
C GLN A 92 -5.51 10.17 11.88
N GLY A 93 -6.19 9.29 12.59
CA GLY A 93 -7.63 9.43 12.80
C GLY A 93 -8.25 8.41 13.74
N LYS A 94 -9.57 8.29 13.72
CA LYS A 94 -10.22 7.20 14.45
C LYS A 94 -11.58 6.86 13.91
N TRP A 95 -11.95 5.60 14.06
CA TRP A 95 -13.32 5.18 13.85
C TRP A 95 -13.76 4.22 14.94
N GLU A 96 -15.07 4.19 15.15
CA GLU A 96 -15.72 3.31 16.12
C GLU A 96 -16.91 2.72 15.43
N GLY A 97 -17.30 1.52 15.84
CA GLY A 97 -18.44 0.88 15.18
C GLY A 97 -18.99 -0.31 15.90
N GLU A 98 -19.89 -1.00 15.22
CA GLU A 98 -20.64 -2.10 15.77
C GLU A 98 -20.38 -3.33 14.90
N LEU A 99 -19.90 -4.39 15.53
CA LEU A 99 -19.50 -5.57 14.80
C LEU A 99 -20.71 -6.41 14.40
N GLY A 100 -20.62 -7.00 13.21
CA GLY A 100 -21.61 -7.97 12.76
C GLY A 100 -21.04 -8.80 11.62
N THR A 101 -21.87 -9.63 11.02
CA THR A 101 -21.49 -10.34 9.81
C THR A 101 -22.53 -10.14 8.71
N ASP A 102 -22.14 -10.37 7.46
CA ASP A 102 -23.08 -10.32 6.36
C ASP A 102 -22.43 -10.89 5.12
N LEU A 103 -23.22 -11.06 4.07
CA LEU A 103 -22.72 -11.59 2.81
C LEU A 103 -22.00 -10.46 2.07
N VAL A 104 -20.85 -10.80 1.52
CA VAL A 104 -19.96 -9.83 0.92
C VAL A 104 -19.41 -10.39 -0.39
N SER A 105 -19.45 -9.58 -1.45
CA SER A 105 -18.89 -9.97 -2.73
C SER A 105 -18.11 -8.81 -3.34
N ILE A 106 -17.34 -9.12 -4.39
CA ILE A 106 -16.54 -8.15 -5.12
C ILE A 106 -16.91 -8.31 -6.59
N PRO A 107 -17.76 -7.41 -7.12
CA PRO A 107 -18.27 -7.61 -8.48
C PRO A 107 -17.18 -7.82 -9.54
N HIS A 108 -16.09 -7.06 -9.43
CA HIS A 108 -14.97 -7.18 -10.35
C HIS A 108 -13.87 -7.96 -9.67
N GLY A 109 -14.28 -9.01 -8.97
CA GLY A 109 -13.39 -9.93 -8.29
C GLY A 109 -13.85 -11.33 -8.61
N PRO A 110 -13.49 -12.32 -7.77
CA PRO A 110 -13.96 -13.67 -8.06
C PRO A 110 -15.48 -13.79 -7.97
N ASN A 111 -16.03 -14.70 -8.76
CA ASN A 111 -17.47 -14.94 -8.81
C ASN A 111 -17.94 -15.74 -7.59
N VAL A 112 -17.76 -15.16 -6.41
CA VAL A 112 -18.10 -15.81 -5.14
C VAL A 112 -18.72 -14.80 -4.15
N THR A 113 -19.39 -15.33 -3.13
CA THR A 113 -19.92 -14.50 -2.03
C THR A 113 -19.60 -15.18 -0.70
N VAL A 114 -19.11 -14.42 0.27
CA VAL A 114 -18.73 -15.01 1.56
C VAL A 114 -19.35 -14.26 2.74
N ARG A 115 -19.55 -14.96 3.84
CA ARG A 115 -20.00 -14.31 5.06
C ARG A 115 -18.73 -13.79 5.71
N ALA A 116 -18.67 -12.48 5.87
CA ALA A 116 -17.53 -11.82 6.49
C ALA A 116 -17.97 -10.98 7.67
N ASN A 117 -17.01 -10.72 8.55
CA ASN A 117 -17.11 -9.69 9.56
C ASN A 117 -17.14 -8.29 8.91
N ILE A 118 -18.05 -7.45 9.39
CA ILE A 118 -18.15 -6.08 8.93
C ILE A 118 -18.29 -5.23 10.17
N ALA A 119 -17.40 -4.26 10.33
CA ALA A 119 -17.58 -3.20 11.34
C ALA A 119 -18.44 -2.09 10.74
N ALA A 120 -19.62 -1.87 11.30
CA ALA A 120 -20.48 -0.78 10.84
C ALA A 120 -20.05 0.49 11.57
N ILE A 121 -19.45 1.43 10.84
CA ILE A 121 -18.85 2.61 11.45
C ILE A 121 -19.97 3.57 11.88
N THR A 122 -19.95 3.94 13.16
CA THR A 122 -21.03 4.76 13.72
C THR A 122 -20.52 6.08 14.29
N GLU A 123 -19.21 6.22 14.39
CA GLU A 123 -18.58 7.48 14.78
C GLU A 123 -17.15 7.49 14.24
N SER A 124 -16.65 8.67 13.90
CA SER A 124 -15.35 8.78 13.23
C SER A 124 -14.77 10.20 13.32
N ASP A 125 -13.46 10.28 13.16
CA ASP A 125 -12.75 11.57 13.15
C ASP A 125 -11.55 11.43 12.24
N LYS A 126 -11.52 12.30 11.23
CA LYS A 126 -10.44 12.38 10.26
C LYS A 126 -10.23 11.07 9.51
N PHE A 127 -11.28 10.29 9.37
CA PHE A 127 -11.24 8.98 8.72
C PHE A 127 -11.74 9.14 7.28
N PHE A 128 -12.99 9.58 7.14
CA PHE A 128 -13.54 9.88 5.83
C PHE A 128 -12.95 11.17 5.27
N ILE A 129 -12.72 11.21 3.96
CA ILE A 129 -12.09 12.34 3.27
C ILE A 129 -13.18 13.15 2.54
N ASN A 130 -13.23 14.44 2.82
CA ASN A 130 -14.19 15.32 2.17
C ASN A 130 -13.89 15.40 0.69
N GLY A 131 -14.80 14.91 -0.13
CA GLY A 131 -14.60 14.93 -1.58
C GLY A 131 -14.17 13.59 -2.18
N SER A 132 -13.91 12.59 -1.33
CA SER A 132 -13.49 11.27 -1.82
C SER A 132 -14.68 10.49 -2.32
N ASN A 133 -14.42 9.40 -3.04
CA ASN A 133 -15.48 8.51 -3.53
C ASN A 133 -15.49 7.11 -2.87
N TRP A 134 -15.00 6.99 -1.63
CA TRP A 134 -15.07 5.73 -0.90
C TRP A 134 -15.66 5.89 0.47
N GLU A 135 -16.22 4.78 0.96
CA GLU A 135 -17.12 4.77 2.13
C GLU A 135 -16.69 3.80 3.18
N GLY A 136 -15.55 3.15 2.96
CA GLY A 136 -15.13 2.10 3.85
C GLY A 136 -13.73 1.65 3.52
N ILE A 137 -13.25 0.68 4.31
CA ILE A 137 -11.82 0.28 4.31
C ILE A 137 -11.74 -1.24 4.38
N LEU A 138 -10.90 -1.82 3.51
CA LEU A 138 -10.72 -3.26 3.42
C LEU A 138 -9.30 -3.53 3.88
N GLY A 139 -9.17 -3.95 5.13
CA GLY A 139 -7.88 -4.29 5.69
C GLY A 139 -7.49 -5.67 5.23
N LEU A 140 -6.42 -5.75 4.45
CA LEU A 140 -5.97 -7.01 3.86
C LEU A 140 -4.82 -7.65 4.61
N ALA A 141 -4.35 -7.00 5.68
CA ALA A 141 -3.28 -7.56 6.51
C ALA A 141 -3.87 -8.63 7.45
N TYR A 142 -3.07 -9.13 8.39
CA TYR A 142 -3.39 -10.38 9.11
C TYR A 142 -4.11 -10.16 10.45
N ALA A 143 -4.77 -11.22 10.92
CA ALA A 143 -5.55 -11.22 12.17
C ALA A 143 -4.83 -10.62 13.38
N GLU A 144 -3.52 -10.80 13.46
CA GLU A 144 -2.71 -10.31 14.58
C GLU A 144 -2.96 -8.84 14.95
N ILE A 145 -3.25 -7.99 13.95
CA ILE A 145 -3.46 -6.56 14.21
C ILE A 145 -4.92 -6.14 13.99
N ALA A 146 -5.83 -7.11 13.88
CA ALA A 146 -7.25 -6.81 13.75
C ALA A 146 -7.75 -6.29 15.10
N ARG A 147 -8.70 -5.36 15.06
CA ARG A 147 -9.39 -4.90 16.26
C ARG A 147 -10.78 -5.53 16.33
N PRO A 148 -11.26 -5.85 17.54
CA PRO A 148 -10.61 -5.63 18.84
C PRO A 148 -9.47 -6.61 19.16
N ASP A 149 -9.45 -7.79 18.52
CA ASP A 149 -8.38 -8.77 18.76
C ASP A 149 -8.28 -9.77 17.60
N ASP A 150 -7.33 -10.71 17.71
CA ASP A 150 -7.03 -11.62 16.60
C ASP A 150 -8.10 -12.69 16.35
N SER A 151 -9.15 -12.70 17.18
CA SER A 151 -10.31 -13.57 16.99
C SER A 151 -11.27 -13.02 15.92
N LEU A 152 -11.15 -11.74 15.57
CA LEU A 152 -11.99 -11.17 14.50
C LEU A 152 -11.34 -11.45 13.14
N GLU A 153 -11.84 -12.48 12.47
CA GLU A 153 -11.28 -12.98 11.21
C GLU A 153 -11.33 -11.92 10.09
N PRO A 154 -10.15 -11.57 9.54
CA PRO A 154 -10.14 -10.60 8.44
C PRO A 154 -10.84 -11.11 7.19
N PHE A 155 -11.28 -10.18 6.35
CA PHE A 155 -12.02 -10.51 5.15
C PHE A 155 -11.32 -11.58 4.32
N PHE A 156 -10.07 -11.33 3.99
CA PHE A 156 -9.36 -12.24 3.08
C PHE A 156 -9.24 -13.68 3.63
N ASP A 157 -9.11 -13.80 4.94
CA ASP A 157 -9.09 -15.10 5.58
C ASP A 157 -10.41 -15.84 5.39
N SER A 158 -11.53 -15.14 5.59
CA SER A 158 -12.87 -15.71 5.35
C SER A 158 -13.05 -16.10 3.91
N LEU A 159 -12.61 -15.25 2.99
CA LEU A 159 -12.72 -15.54 1.55
C LEU A 159 -12.05 -16.87 1.20
N VAL A 160 -10.81 -17.04 1.65
CA VAL A 160 -10.00 -18.23 1.34
C VAL A 160 -10.55 -19.46 2.09
N LYS A 161 -10.95 -19.26 3.34
CA LYS A 161 -11.53 -20.35 4.14
C LYS A 161 -12.86 -20.83 3.56
N GLN A 162 -13.69 -19.93 3.04
CA GLN A 162 -15.03 -20.32 2.58
C GLN A 162 -15.15 -20.65 1.10
N THR A 163 -14.11 -20.36 0.32
CA THR A 163 -14.15 -20.64 -1.12
C THR A 163 -12.91 -21.43 -1.56
N HIS A 164 -12.72 -21.54 -2.87
CA HIS A 164 -11.54 -22.16 -3.41
C HIS A 164 -10.58 -21.14 -3.94
N VAL A 165 -10.84 -19.88 -3.64
CA VAL A 165 -9.96 -18.78 -4.06
C VAL A 165 -8.56 -19.02 -3.47
N PRO A 166 -7.52 -19.08 -4.33
CA PRO A 166 -6.19 -19.32 -3.77
C PRO A 166 -5.75 -18.23 -2.82
N ASN A 167 -4.88 -18.58 -1.88
CA ASN A 167 -4.46 -17.68 -0.82
C ASN A 167 -3.36 -16.70 -1.25
N LEU A 168 -3.72 -15.81 -2.15
CA LEU A 168 -2.84 -14.76 -2.60
C LEU A 168 -3.66 -13.72 -3.37
N PHE A 169 -3.15 -12.51 -3.38
CA PHE A 169 -3.66 -11.41 -4.19
C PHE A 169 -2.48 -10.57 -4.63
N SER A 170 -2.66 -9.82 -5.72
CA SER A 170 -1.65 -8.96 -6.21
C SER A 170 -2.27 -7.62 -6.53
N LEU A 171 -1.42 -6.59 -6.43
CA LEU A 171 -1.82 -5.23 -6.67
C LEU A 171 -0.94 -4.57 -7.72
N GLN A 172 -1.58 -3.99 -8.73
CA GLN A 172 -0.94 -3.08 -9.67
C GLN A 172 -1.56 -1.68 -9.50
N LEU A 173 -0.86 -0.80 -8.82
CA LEU A 173 -1.29 0.57 -8.60
C LEU A 173 -0.60 1.48 -9.61
N CYS A 174 -1.36 2.22 -10.41
CA CYS A 174 -0.76 2.92 -11.56
C CYS A 174 -0.61 4.44 -11.43
N GLY A 175 -1.41 5.08 -10.58
CA GLY A 175 -1.33 6.53 -10.40
C GLY A 175 -2.01 7.28 -11.53
N ALA A 176 -1.58 8.52 -11.78
CA ALA A 176 -2.25 9.41 -12.73
C ALA A 176 -2.01 9.03 -14.20
N ALA A 187 -7.36 14.68 -10.44
CA ALA A 187 -6.50 13.75 -11.16
C ALA A 187 -6.74 12.31 -10.69
N SER A 188 -7.39 11.52 -11.56
CA SER A 188 -7.77 10.14 -11.25
C SER A 188 -6.61 9.16 -11.36
N VAL A 189 -6.54 8.25 -10.40
CA VAL A 189 -5.62 7.13 -10.47
C VAL A 189 -6.42 5.86 -10.78
N GLY A 190 -5.69 4.83 -11.20
CA GLY A 190 -6.29 3.54 -11.49
C GLY A 190 -5.34 2.41 -11.15
N GLY A 191 -5.83 1.19 -11.20
CA GLY A 191 -5.01 0.04 -10.91
C GLY A 191 -5.80 -1.24 -10.94
N SER A 192 -5.14 -2.34 -10.56
CA SER A 192 -5.76 -3.66 -10.54
C SER A 192 -5.46 -4.41 -9.27
N MET A 193 -6.51 -4.99 -8.67
CA MET A 193 -6.38 -5.95 -7.59
C MET A 193 -6.81 -7.32 -8.07
N ILE A 194 -5.84 -8.20 -8.30
CA ILE A 194 -6.09 -9.55 -8.77
C ILE A 194 -6.20 -10.43 -7.55
N ILE A 195 -7.40 -10.96 -7.33
CA ILE A 195 -7.70 -11.72 -6.13
C ILE A 195 -7.58 -13.20 -6.48
N GLY A 196 -6.68 -13.90 -5.78
CA GLY A 196 -6.50 -15.34 -6.00
C GLY A 196 -5.52 -15.66 -7.11
N GLY A 197 -4.80 -14.68 -7.61
CA GLY A 197 -3.88 -14.99 -8.67
C GLY A 197 -2.95 -13.89 -9.09
N ILE A 198 -2.29 -14.16 -10.20
CA ILE A 198 -1.31 -13.27 -10.79
C ILE A 198 -1.71 -13.10 -12.25
N ASP A 199 -1.75 -11.86 -12.73
CA ASP A 199 -1.99 -11.62 -14.14
C ASP A 199 -0.67 -11.21 -14.78
N HIS A 200 -0.14 -12.08 -15.63
CA HIS A 200 1.20 -11.88 -16.18
C HIS A 200 1.30 -10.74 -17.15
N SER A 201 0.18 -10.26 -17.68
CA SER A 201 0.23 -9.08 -18.55
C SER A 201 0.52 -7.78 -17.75
N LEU A 202 0.40 -7.82 -16.42
CA LEU A 202 0.57 -6.62 -15.60
C LEU A 202 2.02 -6.28 -15.22
N TYR A 203 2.97 -7.10 -15.65
CA TYR A 203 4.38 -6.87 -15.32
C TYR A 203 5.31 -7.35 -16.44
N THR A 204 6.52 -6.81 -16.46
CA THR A 204 7.56 -7.25 -17.38
C THR A 204 8.70 -7.88 -16.59
N GLY A 205 9.52 -8.71 -17.25
CA GLY A 205 10.60 -9.41 -16.55
C GLY A 205 10.11 -10.42 -15.51
N SER A 206 10.94 -10.73 -14.52
CA SER A 206 10.56 -11.73 -13.50
C SER A 206 10.13 -11.12 -12.15
N LEU A 207 9.31 -11.87 -11.44
CA LEU A 207 8.99 -11.57 -10.07
C LEU A 207 10.18 -12.03 -9.25
N TRP A 208 10.46 -11.24 -8.21
CA TRP A 208 11.47 -11.55 -7.22
C TRP A 208 10.79 -11.48 -5.87
N TYR A 209 11.03 -12.49 -5.05
CA TYR A 209 10.31 -12.63 -3.78
C TYR A 209 11.17 -12.34 -2.56
N THR A 210 10.55 -11.68 -1.59
CA THR A 210 11.15 -11.40 -0.31
C THR A 210 10.22 -12.02 0.76
N PRO A 211 10.81 -12.58 1.82
CA PRO A 211 9.93 -13.25 2.80
C PRO A 211 9.04 -12.31 3.61
N ILE A 212 7.81 -12.73 3.89
CA ILE A 212 7.00 -12.08 4.94
C ILE A 212 7.62 -12.55 6.23
N ARG A 213 8.26 -11.63 6.94
CA ARG A 213 9.01 -11.95 8.13
C ARG A 213 8.07 -12.45 9.24
N ARG A 214 6.93 -11.78 9.36
CA ARG A 214 5.92 -12.14 10.35
C ARG A 214 4.57 -11.78 9.79
N GLU A 215 3.58 -12.63 10.05
CA GLU A 215 2.22 -12.41 9.56
C GLU A 215 1.43 -11.54 10.54
N TRP A 216 1.61 -10.23 10.40
CA TRP A 216 0.82 -9.22 11.11
C TRP A 216 0.56 -8.09 10.12
N TYR A 217 1.43 -7.10 10.03
CA TYR A 217 1.57 -6.32 8.81
C TYR A 217 2.21 -7.21 7.77
N TYR A 218 2.31 -6.73 6.55
CA TYR A 218 3.11 -7.39 5.53
C TYR A 218 4.51 -6.89 5.75
N GLU A 219 5.20 -7.53 6.69
CA GLU A 219 6.51 -7.10 7.11
C GLU A 219 7.60 -7.81 6.28
N VAL A 220 8.54 -7.00 5.83
CA VAL A 220 9.70 -7.44 5.07
C VAL A 220 10.96 -6.86 5.69
N ILE A 221 12.12 -7.23 5.14
CA ILE A 221 13.40 -6.78 5.64
C ILE A 221 14.23 -6.18 4.49
N ILE A 222 14.55 -4.89 4.65
CA ILE A 222 15.42 -4.15 3.74
C ILE A 222 16.83 -4.32 4.24
N VAL A 223 17.72 -4.76 3.35
CA VAL A 223 19.08 -5.12 3.69
C VAL A 223 20.13 -4.15 3.15
N ARG A 224 19.73 -3.25 2.26
CA ARG A 224 20.65 -2.26 1.71
C ARG A 224 19.86 -1.16 0.99
N VAL A 225 20.37 0.06 1.07
CA VAL A 225 19.74 1.20 0.41
C VAL A 225 20.77 1.94 -0.45
N GLU A 226 20.41 2.24 -1.69
CA GLU A 226 21.25 3.02 -2.60
C GLU A 226 20.52 4.23 -3.18
N ILE A 227 21.23 5.36 -3.25
CA ILE A 227 20.78 6.54 -3.98
C ILE A 227 21.71 6.71 -5.18
N ASN A 228 21.16 6.64 -6.39
CA ASN A 228 21.96 6.65 -7.62
C ASN A 228 23.12 5.66 -7.56
N GLY A 229 22.86 4.48 -7.00
CA GLY A 229 23.87 3.44 -6.89
C GLY A 229 24.84 3.56 -5.72
N GLN A 230 24.70 4.60 -4.93
CA GLN A 230 25.59 4.85 -3.80
C GLN A 230 24.95 4.35 -2.52
N ASP A 231 25.60 3.37 -1.92
CA ASP A 231 25.16 2.81 -0.65
C ASP A 231 25.11 3.91 0.42
N LEU A 232 24.03 3.92 1.20
CA LEU A 232 23.93 4.83 2.33
C LEU A 232 24.90 4.46 3.47
N LYS A 233 25.39 3.22 3.47
CA LYS A 233 26.40 2.75 4.43
C LYS A 233 25.94 2.86 5.88
N MET A 234 24.64 2.67 6.11
CA MET A 234 24.08 2.63 7.45
C MET A 234 23.96 1.17 7.89
N ASP A 235 24.08 0.92 9.19
CA ASP A 235 23.73 -0.38 9.74
C ASP A 235 22.32 -0.77 9.30
N CYS A 236 22.17 -1.91 8.62
CA CYS A 236 20.89 -2.23 8.00
C CYS A 236 19.72 -2.35 9.00
N LYS A 237 19.99 -2.55 10.29
CA LYS A 237 18.91 -2.56 11.30
C LYS A 237 18.11 -1.27 11.28
N GLU A 238 18.81 -0.17 11.01
CA GLU A 238 18.22 1.15 10.96
C GLU A 238 17.15 1.23 9.90
N TYR A 239 17.34 0.50 8.79
CA TYR A 239 16.37 0.49 7.70
C TYR A 239 15.05 -0.17 8.08
N ASN A 240 15.10 -1.03 9.09
CA ASN A 240 13.91 -1.75 9.54
C ASN A 240 13.58 -1.46 11.01
N TYR A 241 13.87 -0.25 11.47
CA TYR A 241 13.64 0.14 12.86
C TYR A 241 12.33 0.94 12.94
N ASP A 242 11.26 0.39 13.51
CA ASP A 242 11.21 -0.89 14.22
C ASP A 242 10.66 -2.01 13.34
N LYS A 243 10.19 -1.65 12.14
CA LYS A 243 9.77 -2.61 11.11
C LYS A 243 9.77 -1.97 9.72
N SER A 244 9.67 -2.79 8.67
CA SER A 244 9.37 -2.29 7.33
C SER A 244 8.14 -3.03 6.82
N ILE A 245 7.21 -2.30 6.20
CA ILE A 245 5.98 -2.89 5.73
C ILE A 245 5.62 -2.42 4.31
N VAL A 246 4.82 -3.23 3.65
CA VAL A 246 4.33 -2.92 2.34
C VAL A 246 2.89 -2.47 2.56
N ASP A 247 2.57 -1.22 2.21
CA ASP A 247 1.31 -0.59 2.62
C ASP A 247 0.60 0.21 1.53
N SER A 248 -0.39 -0.42 0.91
CA SER A 248 -1.20 0.22 -0.11
C SER A 248 -2.02 1.40 0.39
N GLY A 249 -2.20 1.51 1.70
CA GLY A 249 -2.96 2.61 2.32
C GLY A 249 -2.14 3.81 2.73
N THR A 250 -0.87 3.85 2.31
CA THR A 250 0.00 5.01 2.56
C THR A 250 0.50 5.55 1.22
N THR A 251 0.44 6.86 1.07
CA THR A 251 0.83 7.48 -0.19
C THR A 251 2.34 7.49 -0.32
N ASN A 252 3.02 7.94 0.73
CA ASN A 252 4.48 8.15 0.68
C ASN A 252 5.33 6.88 0.86
N LEU A 253 6.59 6.99 0.49
CA LEU A 253 7.65 6.17 1.07
C LEU A 253 8.02 6.85 2.37
N ARG A 254 7.76 6.18 3.48
CA ARG A 254 8.13 6.72 4.78
C ARG A 254 9.36 5.97 5.27
N LEU A 255 10.32 6.68 5.85
CA LEU A 255 11.57 6.10 6.34
C LEU A 255 11.85 6.49 7.78
N PRO A 256 12.44 5.57 8.58
CA PRO A 256 12.81 5.94 9.95
C PRO A 256 13.66 7.21 9.96
N LYS A 257 13.54 8.00 11.02
CA LYS A 257 14.15 9.33 11.06
C LYS A 257 15.61 9.32 10.58
N LYS A 258 16.43 8.49 11.20
CA LYS A 258 17.88 8.46 10.93
C LYS A 258 18.17 8.13 9.47
N VAL A 259 17.37 7.23 8.91
CA VAL A 259 17.48 6.83 7.51
C VAL A 259 16.97 7.95 6.58
N PHE A 260 15.90 8.63 7.00
CA PHE A 260 15.42 9.79 6.24
C PHE A 260 16.50 10.88 6.14
N GLU A 261 17.17 11.16 7.26
CA GLU A 261 18.27 12.16 7.28
C GLU A 261 19.29 11.85 6.20
N ALA A 262 19.79 10.62 6.22
CA ALA A 262 20.83 10.22 5.25
C ALA A 262 20.31 10.19 3.81
N ALA A 263 19.08 9.72 3.63
CA ALA A 263 18.50 9.65 2.29
C ALA A 263 18.39 11.05 1.70
N VAL A 264 17.84 11.98 2.47
CA VAL A 264 17.68 13.36 1.99
C VAL A 264 19.04 14.02 1.73
N LYS A 265 20.03 13.74 2.58
CA LYS A 265 21.36 14.34 2.42
C LYS A 265 21.98 13.91 1.10
N SER A 266 21.80 12.64 0.77
CA SER A 266 22.30 12.06 -0.47
C SER A 266 21.51 12.55 -1.70
N ILE A 267 20.20 12.67 -1.55
CA ILE A 267 19.34 13.11 -2.67
C ILE A 267 19.57 14.59 -2.95
N LYS A 268 19.70 15.38 -1.88
CA LYS A 268 20.13 16.78 -1.95
C LYS A 268 21.42 16.93 -2.77
N ALA A 269 22.45 16.20 -2.35
CA ALA A 269 23.76 16.24 -3.02
C ALA A 269 23.66 15.85 -4.48
N ALA A 270 22.93 14.76 -4.75
CA ALA A 270 22.69 14.29 -6.11
C ALA A 270 21.97 15.33 -6.97
N SER A 271 21.09 16.11 -6.37
CA SER A 271 20.24 17.06 -7.10
C SER A 271 20.68 18.53 -6.93
N SER A 272 21.97 18.73 -6.69
CA SER A 272 22.50 20.05 -6.37
C SER A 272 22.63 21.02 -7.57
N THR A 273 22.39 20.54 -8.80
CA THR A 273 22.31 21.42 -9.99
C THR A 273 21.29 22.53 -9.75
N GLU A 274 20.16 22.14 -9.14
CA GLU A 274 19.10 23.07 -8.79
C GLU A 274 18.91 23.09 -7.28
N LYS A 275 18.78 24.31 -6.74
CA LYS A 275 18.59 24.56 -5.30
C LYS A 275 17.12 24.78 -4.97
N PHE A 276 16.61 24.03 -4.00
CA PHE A 276 15.24 24.18 -3.50
C PHE A 276 15.30 24.49 -1.99
N PRO A 277 14.28 25.22 -1.47
CA PRO A 277 14.18 25.48 -0.04
C PRO A 277 14.25 24.21 0.81
N ASP A 278 14.83 24.31 2.00
CA ASP A 278 14.92 23.17 2.93
C ASP A 278 13.55 22.60 3.28
N GLY A 279 12.53 23.46 3.29
CA GLY A 279 11.17 23.03 3.57
C GLY A 279 10.65 22.00 2.57
N PHE A 280 11.00 22.18 1.30
CA PHE A 280 10.58 21.24 0.24
C PHE A 280 10.86 19.79 0.63
N TRP A 281 12.06 19.53 1.13
CA TRP A 281 12.49 18.18 1.51
C TRP A 281 11.72 17.62 2.68
N LEU A 282 11.11 18.51 3.47
CA LEU A 282 10.34 18.13 4.64
C LEU A 282 8.83 18.09 4.35
N GLY A 283 8.45 18.26 3.09
CA GLY A 283 7.04 18.32 2.70
C GLY A 283 6.28 19.55 3.21
N GLU A 284 6.99 20.67 3.35
CA GLU A 284 6.39 21.94 3.80
C GLU A 284 5.90 22.79 2.65
N GLN A 285 6.50 22.59 1.47
CA GLN A 285 6.17 23.40 0.29
C GLN A 285 6.42 22.62 -0.99
N LEU A 286 5.83 23.11 -2.08
CA LEU A 286 5.91 22.45 -3.37
C LEU A 286 6.98 23.12 -4.21
N VAL A 287 7.46 22.40 -5.23
CA VAL A 287 8.36 22.97 -6.23
C VAL A 287 7.72 22.84 -7.60
N CYS A 288 7.90 23.88 -8.42
CA CYS A 288 7.19 24.00 -9.70
C CYS A 288 8.15 24.26 -10.87
N TRP A 289 7.77 23.79 -12.05
CA TRP A 289 8.48 24.08 -13.28
C TRP A 289 7.50 24.38 -14.37
N GLN A 290 7.96 25.08 -15.41
CA GLN A 290 7.15 25.36 -16.60
C GLN A 290 6.60 24.04 -17.18
N ALA A 291 5.33 24.07 -17.59
CA ALA A 291 4.62 22.88 -18.05
C ALA A 291 5.42 22.07 -19.09
N GLY A 292 5.88 20.89 -18.68
CA GLY A 292 6.58 19.97 -19.56
C GLY A 292 8.10 20.02 -19.49
N THR A 293 8.65 20.80 -18.55
CA THR A 293 10.11 20.93 -18.39
C THR A 293 10.65 20.49 -17.01
N THR A 294 9.93 19.62 -16.31
CA THR A 294 10.43 19.07 -15.05
C THR A 294 11.77 18.39 -15.29
N PRO A 295 12.81 18.78 -14.54
CA PRO A 295 14.13 18.22 -14.75
C PRO A 295 14.27 16.88 -14.02
N TRP A 296 13.68 15.85 -14.59
CA TRP A 296 13.74 14.50 -14.01
C TRP A 296 15.16 14.05 -13.81
N ASN A 297 16.02 14.37 -14.77
CA ASN A 297 17.36 13.81 -14.79
C ASN A 297 18.29 14.28 -13.66
N ILE A 298 18.04 15.46 -13.09
CA ILE A 298 18.87 15.91 -11.97
C ILE A 298 18.58 15.13 -10.68
N PHE A 299 17.42 14.48 -10.62
CA PHE A 299 17.01 13.67 -9.46
C PHE A 299 17.47 12.22 -9.53
N PRO A 300 17.95 11.68 -8.40
CA PRO A 300 18.51 10.32 -8.37
C PRO A 300 17.47 9.21 -8.28
N VAL A 301 17.85 8.01 -8.71
CA VAL A 301 17.04 6.84 -8.50
C VAL A 301 17.26 6.36 -7.06
N ILE A 302 16.27 5.65 -6.51
CA ILE A 302 16.38 5.12 -5.15
C ILE A 302 16.19 3.61 -5.20
N SER A 303 17.16 2.87 -4.65
CA SER A 303 17.12 1.41 -4.68
C SER A 303 17.03 0.86 -3.26
N LEU A 304 16.07 -0.03 -3.05
CA LEU A 304 16.00 -0.80 -1.82
C LEU A 304 16.35 -2.22 -2.18
N TYR A 305 17.34 -2.79 -1.50
CA TYR A 305 17.61 -4.21 -1.64
C TYR A 305 16.79 -4.92 -0.58
N LEU A 306 16.09 -5.98 -0.98
CA LEU A 306 15.28 -6.72 -0.05
C LEU A 306 15.89 -8.11 0.15
N MET A 307 15.69 -8.64 1.36
CA MET A 307 16.08 -10.02 1.65
C MET A 307 15.48 -11.00 0.63
N GLY A 308 16.31 -11.86 0.08
CA GLY A 308 15.84 -12.77 -0.95
C GLY A 308 15.28 -14.04 -0.36
N GLU A 309 14.99 -14.99 -1.24
CA GLU A 309 14.45 -16.29 -0.83
C GLU A 309 15.51 -17.28 -0.35
N VAL A 310 16.77 -17.05 -0.72
CA VAL A 310 17.89 -17.95 -0.43
C VAL A 310 18.91 -17.27 0.51
N THR A 311 19.52 -18.07 1.40
CA THR A 311 20.56 -17.59 2.30
C THR A 311 21.59 -16.79 1.51
N ASN A 312 21.93 -15.60 2.03
CA ASN A 312 22.94 -14.71 1.45
C ASN A 312 22.58 -14.12 0.06
N GLN A 313 21.33 -14.27 -0.35
CA GLN A 313 20.87 -13.76 -1.64
C GLN A 313 19.82 -12.66 -1.47
N SER A 314 20.01 -11.53 -2.17
CA SER A 314 19.05 -10.45 -2.15
C SER A 314 18.68 -10.05 -3.58
N PHE A 315 17.75 -9.10 -3.69
CA PHE A 315 17.44 -8.46 -4.97
C PHE A 315 17.17 -7.00 -4.68
N ARG A 316 17.05 -6.19 -5.71
CA ARG A 316 16.76 -4.79 -5.50
C ARG A 316 15.68 -4.30 -6.39
N ILE A 317 14.92 -3.38 -5.85
CA ILE A 317 13.87 -2.69 -6.57
C ILE A 317 14.34 -1.23 -6.62
N THR A 318 14.12 -0.59 -7.76
CA THR A 318 14.60 0.78 -7.99
C THR A 318 13.46 1.64 -8.50
N ILE A 319 13.22 2.76 -7.83
CA ILE A 319 12.20 3.74 -8.28
C ILE A 319 12.84 5.04 -8.78
N LEU A 320 12.02 5.82 -9.50
CA LEU A 320 12.43 7.05 -10.15
C LEU A 320 11.84 8.26 -9.40
N PRO A 321 12.31 9.46 -9.74
CA PRO A 321 11.65 10.67 -9.22
C PRO A 321 10.18 10.77 -9.67
N GLN A 322 9.86 10.19 -10.83
CA GLN A 322 8.48 10.05 -11.29
C GLN A 322 7.58 9.43 -10.20
N GLN A 323 8.18 8.61 -9.34
CA GLN A 323 7.47 7.97 -8.23
C GLN A 323 7.50 8.78 -6.93
N TYR A 324 8.65 9.36 -6.57
CA TYR A 324 8.75 10.06 -5.29
C TYR A 324 8.51 11.57 -5.36
N LEU A 325 8.37 12.13 -6.56
CA LEU A 325 7.86 13.49 -6.74
C LEU A 325 6.43 13.43 -7.28
N ARG A 326 5.47 13.86 -6.46
CA ARG A 326 4.05 13.66 -6.77
C ARG A 326 3.38 14.95 -7.24
N PRO A 327 2.63 14.91 -8.37
CA PRO A 327 1.87 16.06 -8.85
C PRO A 327 0.91 16.61 -7.80
N VAL A 328 0.60 17.91 -7.90
CA VAL A 328 -0.37 18.55 -6.99
C VAL A 328 -1.26 19.52 -7.76
N ASP A 336 2.05 25.83 -14.71
CA ASP A 336 3.21 25.17 -14.12
C ASP A 336 2.87 23.76 -13.61
N ASP A 337 3.84 22.85 -13.73
CA ASP A 337 3.75 21.53 -13.11
C ASP A 337 4.42 21.61 -11.74
N CYS A 338 3.62 21.50 -10.67
CA CYS A 338 4.14 21.54 -9.30
C CYS A 338 4.15 20.14 -8.68
N TYR A 339 5.07 19.91 -7.77
CA TYR A 339 5.25 18.59 -7.16
C TYR A 339 5.49 18.67 -5.67
N LYS A 340 5.12 17.58 -4.99
CA LYS A 340 5.42 17.39 -3.58
C LYS A 340 6.48 16.29 -3.51
N PHE A 341 7.46 16.49 -2.62
CA PHE A 341 8.44 15.46 -2.30
C PHE A 341 7.75 14.47 -1.37
N ALA A 342 7.53 13.27 -1.88
CA ALA A 342 6.70 12.26 -1.20
C ALA A 342 7.52 11.17 -0.49
N ILE A 343 8.67 11.55 0.07
CA ILE A 343 9.42 10.70 0.99
C ILE A 343 9.44 11.47 2.30
N SER A 344 9.26 10.78 3.41
CA SER A 344 9.06 11.45 4.69
C SER A 344 9.48 10.58 5.84
N GLN A 345 9.68 11.21 6.99
CA GLN A 345 10.25 10.53 8.14
C GLN A 345 9.14 9.80 8.91
N SER A 346 9.54 8.76 9.62
CA SER A 346 8.61 7.90 10.33
C SER A 346 9.15 7.54 11.70
N SER A 347 8.23 7.35 12.65
CA SER A 347 8.57 6.77 13.94
C SER A 347 8.09 5.33 14.04
N THR A 348 7.48 4.83 12.96
CA THR A 348 6.83 3.52 12.97
C THR A 348 7.48 2.58 11.96
N GLY A 349 8.66 2.98 11.46
CA GLY A 349 9.44 2.14 10.56
C GLY A 349 9.27 2.55 9.12
N THR A 350 9.85 1.76 8.22
CA THR A 350 9.71 2.00 6.80
C THR A 350 8.31 1.61 6.38
N VAL A 351 7.68 2.45 5.59
CA VAL A 351 6.41 2.16 4.99
C VAL A 351 6.59 2.29 3.49
N MET A 352 6.55 1.15 2.82
CA MET A 352 6.61 1.12 1.37
C MET A 352 5.19 1.37 0.84
N GLY A 353 4.85 2.64 0.68
CA GLY A 353 3.52 3.07 0.25
C GLY A 353 3.40 3.17 -1.26
N ALA A 354 2.45 3.99 -1.73
CA ALA A 354 2.22 4.09 -3.17
C ALA A 354 3.47 4.54 -3.94
N VAL A 355 4.35 5.33 -3.33
CA VAL A 355 5.61 5.75 -3.96
C VAL A 355 6.43 4.54 -4.43
N ILE A 356 6.47 3.48 -3.62
CA ILE A 356 7.13 2.24 -4.01
C ILE A 356 6.21 1.42 -4.91
N MET A 357 4.96 1.22 -4.48
CA MET A 357 4.10 0.26 -5.17
C MET A 357 3.72 0.69 -6.59
N GLU A 358 3.66 2.00 -6.86
CA GLU A 358 3.33 2.45 -8.21
C GLU A 358 4.41 2.13 -9.25
N GLY A 359 5.59 1.73 -8.81
CA GLY A 359 6.64 1.27 -9.73
C GLY A 359 6.56 -0.20 -10.08
N PHE A 360 5.79 -0.97 -9.30
CA PHE A 360 5.86 -2.43 -9.36
C PHE A 360 4.51 -3.15 -9.33
N TYR A 361 4.50 -4.34 -9.91
CA TYR A 361 3.45 -5.30 -9.64
C TYR A 361 3.85 -6.04 -8.40
N VAL A 362 2.97 -6.05 -7.43
CA VAL A 362 3.33 -6.57 -6.10
C VAL A 362 2.42 -7.74 -5.75
N VAL A 363 3.01 -8.91 -5.50
CA VAL A 363 2.25 -10.13 -5.25
C VAL A 363 2.29 -10.50 -3.78
N PHE A 364 1.12 -10.56 -3.16
CA PHE A 364 1.02 -10.87 -1.73
C PHE A 364 0.75 -12.35 -1.64
N ASP A 365 1.83 -13.10 -1.69
CA ASP A 365 1.78 -14.56 -1.75
C ASP A 365 1.69 -15.05 -0.32
N ARG A 366 0.49 -14.91 0.25
CA ARG A 366 0.23 -15.36 1.61
C ARG A 366 0.49 -16.86 1.75
N ALA A 367 0.11 -17.65 0.74
CA ALA A 367 0.32 -19.11 0.76
C ALA A 367 1.77 -19.48 1.04
N ARG A 368 2.71 -18.76 0.45
CA ARG A 368 4.13 -19.05 0.66
C ARG A 368 4.86 -18.04 1.53
N LYS A 369 4.11 -17.20 2.25
CA LYS A 369 4.68 -16.21 3.18
C LYS A 369 5.76 -15.37 2.48
N ARG A 370 5.44 -14.85 1.30
CA ARG A 370 6.39 -14.06 0.54
C ARG A 370 5.70 -12.98 -0.25
N ILE A 371 6.44 -11.92 -0.55
CA ILE A 371 5.92 -10.87 -1.39
C ILE A 371 6.81 -10.77 -2.64
N GLY A 372 6.16 -10.82 -3.80
CA GLY A 372 6.82 -10.66 -5.07
C GLY A 372 6.79 -9.25 -5.59
N PHE A 373 7.92 -8.84 -6.15
CA PHE A 373 8.00 -7.61 -6.91
C PHE A 373 8.41 -7.89 -8.34
N ALA A 374 7.77 -7.20 -9.28
CA ALA A 374 8.19 -7.18 -10.69
C ALA A 374 7.96 -5.80 -11.24
N VAL A 375 8.66 -5.47 -12.31
CA VAL A 375 8.47 -4.16 -12.95
C VAL A 375 7.05 -4.03 -13.44
N SER A 376 6.38 -2.95 -13.06
CA SER A 376 5.00 -2.74 -13.47
C SER A 376 4.87 -2.29 -14.92
N ALA A 377 3.97 -2.92 -15.65
CA ALA A 377 3.66 -2.52 -17.02
C ALA A 377 3.04 -1.11 -17.11
N CYS A 378 2.54 -0.55 -16.01
CA CYS A 378 1.94 0.80 -16.04
C CYS A 378 2.73 1.92 -15.36
N HIS A 379 3.89 1.64 -14.74
CA HIS A 379 4.59 2.71 -14.00
C HIS A 379 5.03 3.86 -14.88
N VAL A 380 4.99 5.07 -14.32
CA VAL A 380 5.36 6.26 -15.06
C VAL A 380 6.89 6.41 -15.09
N HIS A 381 7.43 6.72 -16.26
CA HIS A 381 8.87 6.84 -16.42
C HIS A 381 9.19 7.70 -17.63
N ASP A 382 10.47 7.79 -18.00
CA ASP A 382 10.85 8.55 -19.20
C ASP A 382 11.70 7.71 -20.14
N GLU A 383 12.15 8.31 -21.24
CA GLU A 383 12.92 7.59 -22.25
C GLU A 383 14.32 7.18 -21.77
N PHE A 384 14.79 7.76 -20.67
CA PHE A 384 16.14 7.51 -20.14
C PHE A 384 16.20 6.43 -19.06
N ARG A 385 15.22 6.40 -18.16
CA ARG A 385 15.22 5.46 -17.04
C ARG A 385 13.86 4.79 -16.85
N THR A 386 13.86 3.55 -16.39
CA THR A 386 12.63 2.88 -15.96
C THR A 386 12.85 2.23 -14.59
N ALA A 387 11.77 2.10 -13.81
CA ALA A 387 11.80 1.31 -12.58
C ALA A 387 12.31 -0.11 -12.87
N ALA A 388 12.99 -0.71 -11.91
CA ALA A 388 13.69 -1.97 -12.15
C ALA A 388 13.59 -2.93 -10.96
N VAL A 389 13.58 -4.22 -11.27
CA VAL A 389 13.72 -5.29 -10.26
C VAL A 389 14.85 -6.19 -10.74
N GLU A 390 15.93 -6.28 -9.97
CA GLU A 390 17.13 -6.93 -10.44
C GLU A 390 17.73 -7.84 -9.37
N GLY A 391 18.39 -8.90 -9.82
CA GLY A 391 19.03 -9.83 -8.92
C GLY A 391 19.58 -11.01 -9.71
N PRO A 392 20.22 -11.97 -9.02
CA PRO A 392 20.49 -11.98 -7.59
C PRO A 392 21.74 -11.16 -7.22
N PHE A 393 21.80 -10.67 -5.98
CA PHE A 393 23.00 -10.08 -5.44
C PHE A 393 23.43 -10.86 -4.21
N VAL A 394 24.70 -10.77 -3.88
CA VAL A 394 25.23 -11.41 -2.67
C VAL A 394 25.18 -10.41 -1.53
N THR A 395 24.39 -10.71 -0.51
CA THR A 395 24.31 -9.87 0.68
C THR A 395 24.42 -10.75 1.90
N LEU A 396 25.40 -10.47 2.75
CA LEU A 396 25.67 -11.25 3.95
C LEU A 396 25.01 -10.63 5.19
N ASP A 397 24.71 -11.48 6.18
CA ASP A 397 24.17 -11.08 7.48
C ASP A 397 22.80 -10.40 7.39
N MET A 398 22.01 -10.80 6.40
CA MET A 398 20.70 -10.20 6.19
C MET A 398 19.75 -10.38 7.38
N GLU A 399 19.95 -11.43 8.18
CA GLU A 399 19.10 -11.65 9.37
C GLU A 399 19.36 -10.61 10.44
N ASP A 400 20.59 -10.09 10.50
CA ASP A 400 20.93 -9.02 11.44
C ASP A 400 20.23 -7.70 11.15
N CYS A 401 19.68 -7.56 9.93
CA CYS A 401 18.96 -6.34 9.54
C CYS A 401 17.59 -6.17 10.21
N GLY A 402 16.97 -7.28 10.60
CA GLY A 402 15.69 -7.26 11.29
C GLY A 402 15.79 -6.77 12.73
N TYR A 403 14.85 -5.93 13.12
CA TYR A 403 14.80 -5.43 14.50
C TYR A 403 14.01 -6.42 15.36
N ASN A 404 14.43 -6.60 16.62
CA ASN A 404 13.78 -7.57 17.53
C ASN A 404 13.19 -6.93 18.79
I IOD B . -19.50 8.35 11.16
I IOD C . -14.51 14.13 10.38
I IOD D . 16.03 7.21 15.74
I IOD E . -30.64 -2.56 12.17
I IOD F . -2.89 7.90 -3.85
C27 8QV G . -5.99 0.37 12.57
C28 8QV G . -5.09 -0.35 13.59
O29 8QV G . -3.65 -0.42 13.30
C30 8QV G . -3.42 -0.56 11.87
C31 8QV G . -4.00 0.38 11.01
C26 8QV G . -5.29 0.87 11.29
C13 8QV G . -5.91 1.78 10.42
C15 8QV G . -5.22 2.35 9.35
N12 8QV G . -7.22 2.10 10.62
C11 8QV G . -7.84 2.95 9.84
C10 8QV G . -7.19 3.55 8.76
O9 8QV G . -7.91 4.43 8.00
C14 8QV G . -5.85 3.26 8.50
C7 8QV G . -5.10 3.89 7.29
C16 8QV G . -3.83 4.67 7.68
O17 8QV G . -2.73 3.95 7.07
C18 8QV G . -3.23 2.84 6.43
N19 8QV G . -4.57 2.77 6.49
N20 8QV G . -2.41 1.92 5.89
C5 8QV G . -6.03 4.82 6.50
C6 8QV G . -5.56 5.48 5.36
C4 8QV G . -7.35 5.04 6.91
C3 8QV G . -8.17 5.91 6.17
C2 8QV G . -7.68 6.56 5.04
C1 8QV G . -6.37 6.34 4.63
C8 8QV G . -5.85 6.98 3.49
C21 8QV G . -5.02 6.29 2.59
C25 8QV G . -6.11 8.32 3.24
N24 8QV G . -5.62 8.94 2.16
C23 8QV G . -4.85 8.31 1.29
C22 8QV G . -4.52 6.97 1.49
C32 8QV G . -3.67 6.32 0.54
C33 8QV G . -2.94 5.75 -0.27
C34 8QV G . -2.08 5.11 -1.25
C1 GOL H . -30.01 5.85 1.68
O1 GOL H . -30.81 6.90 1.11
C2 GOL H . -28.65 5.80 0.98
O2 GOL H . -28.04 7.10 1.03
C3 GOL H . -27.78 4.75 1.68
O3 GOL H . -26.53 4.62 1.03
#